data_4DET
#
_entry.id   4DET
#
_cell.length_a   43.326
_cell.length_b   85.666
_cell.length_c   64.350
_cell.angle_alpha   90.000
_cell.angle_beta   90.000
_cell.angle_gamma   90.000
#
_symmetry.space_group_name_H-M   'P 21 21 2'
#
loop_
_entity.id
_entity.type
_entity.pdbx_description
1 polymer Transthyretin
2 non-polymer 3,5,7-TRIHYDROXY-2-(4-HYDROXYPHENYL)-4H-CHROMEN-4-ONE
3 water water
#
_entity_poly.entity_id   1
_entity_poly.type   'polypeptide(L)'
_entity_poly.pdbx_seq_one_letter_code
;CPLMVKVLDAVRGSPAINVAVHVFRKAADDTWEPFASGKTSESGELHGLTTEEEFVEGIYKVEIDTKSYWKALGISPFHE
HAEVVFTANDSGPRRYTIAALLSPYSYSTTAVVTNP
;
_entity_poly.pdbx_strand_id   A,B
#
loop_
_chem_comp.id
_chem_comp.type
_chem_comp.name
_chem_comp.formula
KMP non-polymer 3,5,7-TRIHYDROXY-2-(4-HYDROXYPHENYL)-4H-CHROMEN-4-ONE 'C15 H10 O6'
#
# COMPACT_ATOMS: atom_id res chain seq x y z
N CYS A 1 -19.78 -6.07 10.12
CA CYS A 1 -18.70 -7.00 9.98
C CYS A 1 -17.39 -6.34 10.42
N PRO A 2 -16.42 -7.17 10.78
CA PRO A 2 -15.12 -6.78 11.30
C PRO A 2 -14.18 -6.03 10.35
N LEU A 3 -14.31 -6.28 9.06
CA LEU A 3 -13.46 -5.69 8.07
C LEU A 3 -14.26 -5.34 6.87
N MET A 4 -14.12 -4.10 6.45
CA MET A 4 -14.84 -3.56 5.34
C MET A 4 -13.88 -2.82 4.40
N VAL A 5 -14.07 -2.95 3.10
CA VAL A 5 -13.25 -2.22 2.18
C VAL A 5 -14.08 -1.25 1.35
N LYS A 6 -13.67 -0.02 1.25
CA LYS A 6 -14.35 0.96 0.43
C LYS A 6 -13.44 1.65 -0.58
N VAL A 7 -13.84 1.73 -1.83
CA VAL A 7 -13.02 2.28 -2.87
C VAL A 7 -13.69 3.38 -3.67
N LEU A 8 -12.96 4.44 -3.88
CA LEU A 8 -13.37 5.61 -4.57
C LEU A 8 -12.47 5.95 -5.77
N ASP A 9 -13.08 6.46 -6.81
CA ASP A 9 -12.48 6.95 -8.05
C ASP A 9 -12.37 8.49 -8.02
N ALA A 10 -11.15 8.99 -7.94
CA ALA A 10 -10.85 10.41 -7.78
C ALA A 10 -10.86 11.19 -9.11
N VAL A 11 -10.90 10.47 -10.19
CA VAL A 11 -11.13 10.98 -11.51
C VAL A 11 -12.61 11.24 -11.86
N ARG A 12 -13.48 10.37 -11.51
CA ARG A 12 -14.86 10.52 -11.88
C ARG A 12 -15.68 11.07 -10.74
N GLY A 13 -15.12 11.10 -9.56
CA GLY A 13 -15.90 11.42 -8.38
C GLY A 13 -17.08 10.50 -8.15
N SER A 14 -16.76 9.22 -8.10
CA SER A 14 -17.69 8.14 -7.85
C SER A 14 -17.04 7.02 -7.03
N PRO A 15 -17.87 6.16 -6.46
CA PRO A 15 -17.40 4.86 -5.99
C PRO A 15 -16.72 4.12 -7.12
N ALA A 16 -15.75 3.31 -6.78
CA ALA A 16 -15.04 2.46 -7.72
C ALA A 16 -15.68 1.11 -7.66
N ILE A 17 -16.50 0.83 -8.66
CA ILE A 17 -17.32 -0.33 -8.76
C ILE A 17 -16.63 -1.55 -9.38
N ASN A 18 -16.96 -2.72 -8.88
CA ASN A 18 -16.48 -3.96 -9.42
C ASN A 18 -14.95 -4.12 -9.36
N VAL A 19 -14.32 -3.61 -8.33
CA VAL A 19 -12.92 -3.75 -8.08
C VAL A 19 -12.60 -4.98 -7.21
N ALA A 20 -11.74 -5.85 -7.68
CA ALA A 20 -11.34 -7.04 -6.93
C ALA A 20 -10.44 -6.75 -5.75
N VAL A 21 -10.70 -7.43 -4.66
CA VAL A 21 -10.00 -7.27 -3.44
C VAL A 21 -9.63 -8.64 -2.87
N HIS A 22 -8.35 -8.85 -2.66
CA HIS A 22 -7.84 -10.09 -2.11
C HIS A 22 -7.20 -9.84 -0.78
N VAL A 23 -7.59 -10.62 0.21
CA VAL A 23 -7.12 -10.50 1.55
C VAL A 23 -6.28 -11.73 1.96
N PHE A 24 -5.16 -11.47 2.60
CA PHE A 24 -4.25 -12.49 3.09
C PHE A 24 -3.86 -12.28 4.58
N ARG A 25 -3.47 -13.36 5.23
CA ARG A 25 -3.04 -13.36 6.61
C ARG A 25 -1.69 -14.02 6.72
N LYS A 26 -0.83 -13.48 7.53
CA LYS A 26 0.47 -14.03 7.64
C LYS A 26 0.41 -15.29 8.45
N ALA A 27 0.98 -16.32 7.90
CA ALA A 27 1.05 -17.62 8.54
C ALA A 27 2.17 -17.73 9.58
N ALA A 28 2.19 -18.86 10.24
CA ALA A 28 3.20 -19.19 11.24
C ALA A 28 4.58 -19.19 10.62
N ASP A 29 4.66 -19.69 9.40
CA ASP A 29 5.92 -19.84 8.68
C ASP A 29 6.24 -18.59 7.90
N ASP A 30 5.53 -17.51 8.18
CA ASP A 30 5.79 -16.24 7.52
C ASP A 30 5.24 -16.13 6.09
N THR A 31 4.51 -17.12 5.62
CA THR A 31 3.95 -17.01 4.29
C THR A 31 2.61 -16.30 4.35
N TRP A 32 2.19 -15.72 3.24
CA TRP A 32 0.89 -15.11 3.15
C TRP A 32 -0.14 -16.12 2.72
N GLU A 33 -1.02 -16.43 3.61
CA GLU A 33 -2.05 -17.36 3.32
C GLU A 33 -3.36 -16.68 2.88
N PRO A 34 -4.00 -17.20 1.84
CA PRO A 34 -5.25 -16.65 1.35
C PRO A 34 -6.34 -16.71 2.41
N PHE A 35 -6.99 -15.59 2.63
CA PHE A 35 -7.87 -15.42 3.73
C PHE A 35 -9.30 -15.10 3.32
N ALA A 36 -9.47 -14.19 2.41
CA ALA A 36 -10.75 -13.83 1.85
C ALA A 36 -10.61 -13.02 0.58
N SER A 37 -11.68 -12.94 -0.18
CA SER A 37 -11.73 -12.12 -1.38
C SER A 37 -13.16 -11.70 -1.80
N GLY A 38 -13.25 -10.73 -2.69
CA GLY A 38 -14.51 -10.20 -3.15
C GLY A 38 -14.39 -9.08 -4.15
N LYS A 39 -15.48 -8.48 -4.56
N LYS A 39 -15.48 -8.48 -4.53
CA LYS A 39 -15.54 -7.32 -5.46
CA LYS A 39 -15.38 -7.27 -5.26
C LYS A 39 -16.34 -6.18 -4.85
C LYS A 39 -16.32 -6.18 -4.83
N THR A 40 -15.93 -4.96 -5.05
CA THR A 40 -16.73 -3.86 -4.54
C THR A 40 -18.08 -3.77 -5.28
N SER A 41 -19.08 -3.29 -4.59
CA SER A 41 -20.42 -3.11 -5.09
C SER A 41 -20.62 -1.80 -5.83
N GLU A 42 -21.87 -1.51 -6.17
CA GLU A 42 -22.31 -0.30 -6.83
C GLU A 42 -21.94 0.90 -5.99
N SER A 43 -21.94 0.74 -4.68
CA SER A 43 -21.52 1.80 -3.79
C SER A 43 -20.02 1.88 -3.57
N GLY A 44 -19.28 0.96 -4.14
CA GLY A 44 -17.85 0.88 -3.95
C GLY A 44 -17.42 0.26 -2.64
N GLU A 45 -18.35 -0.39 -1.97
CA GLU A 45 -18.11 -1.10 -0.74
C GLU A 45 -18.04 -2.61 -0.87
N LEU A 46 -17.21 -3.21 -0.04
CA LEU A 46 -17.12 -4.64 0.09
C LEU A 46 -17.29 -5.05 1.55
N HIS A 47 -18.34 -5.78 1.79
CA HIS A 47 -18.83 -6.21 3.07
C HIS A 47 -18.82 -7.72 3.09
N GLY A 48 -18.86 -8.29 4.26
CA GLY A 48 -19.00 -9.70 4.41
C GLY A 48 -17.75 -10.49 4.11
N LEU A 49 -16.60 -9.88 4.12
CA LEU A 49 -15.39 -10.62 3.90
C LEU A 49 -15.10 -11.69 4.95
N THR A 50 -15.36 -11.42 6.20
CA THR A 50 -14.98 -12.29 7.30
C THR A 50 -15.94 -12.15 8.48
N THR A 51 -15.64 -12.82 9.58
CA THR A 51 -16.47 -12.80 10.74
C THR A 51 -15.70 -12.53 12.01
N GLU A 52 -16.40 -12.20 13.08
CA GLU A 52 -15.77 -11.96 14.34
C GLU A 52 -14.98 -13.17 14.76
N GLU A 53 -15.49 -14.37 14.58
CA GLU A 53 -14.75 -15.56 14.90
C GLU A 53 -13.47 -15.81 14.12
N GLU A 54 -13.60 -15.69 12.81
CA GLU A 54 -12.53 -15.95 11.86
C GLU A 54 -11.38 -14.95 11.88
N PHE A 55 -11.73 -13.70 12.07
CA PHE A 55 -10.82 -12.59 11.97
C PHE A 55 -10.07 -12.45 13.29
N VAL A 56 -9.14 -13.35 13.51
CA VAL A 56 -8.31 -13.41 14.73
C VAL A 56 -7.18 -12.40 14.67
N GLU A 57 -6.42 -12.26 15.74
CA GLU A 57 -5.20 -11.44 15.68
C GLU A 57 -4.31 -11.88 14.56
N GLY A 58 -3.58 -10.94 13.95
CA GLY A 58 -2.65 -11.32 12.92
C GLY A 58 -2.16 -10.15 12.10
N ILE A 59 -1.23 -10.41 11.21
CA ILE A 59 -0.83 -9.41 10.23
C ILE A 59 -1.59 -9.76 8.97
N TYR A 60 -2.31 -8.81 8.43
CA TYR A 60 -3.18 -8.98 7.28
C TYR A 60 -2.80 -8.09 6.12
N LYS A 61 -2.98 -8.59 4.92
CA LYS A 61 -2.75 -7.83 3.72
C LYS A 61 -4.01 -7.74 2.88
N VAL A 62 -4.41 -6.54 2.55
CA VAL A 62 -5.51 -6.31 1.67
C VAL A 62 -4.99 -5.74 0.35
N GLU A 63 -5.14 -6.49 -0.71
CA GLU A 63 -4.64 -6.10 -1.99
C GLU A 63 -5.77 -5.77 -2.97
N ILE A 64 -5.83 -4.55 -3.39
CA ILE A 64 -6.89 -4.03 -4.20
C ILE A 64 -6.39 -3.93 -5.62
N ASP A 65 -7.09 -4.56 -6.53
CA ASP A 65 -6.70 -4.64 -7.94
C ASP A 65 -7.09 -3.40 -8.74
N THR A 66 -6.35 -2.36 -8.47
CA THR A 66 -6.48 -1.08 -9.10
C THR A 66 -6.16 -1.14 -10.59
N LYS A 67 -5.21 -1.96 -10.98
CA LYS A 67 -4.79 -1.99 -12.38
C LYS A 67 -5.93 -2.44 -13.29
N SER A 68 -6.63 -3.48 -12.92
CA SER A 68 -7.70 -3.99 -13.72
C SER A 68 -8.81 -2.95 -13.83
N TYR A 69 -9.10 -2.24 -12.77
CA TYR A 69 -10.09 -1.18 -12.77
C TYR A 69 -9.77 -0.06 -13.73
N TRP A 70 -8.55 0.44 -13.70
CA TRP A 70 -8.15 1.46 -14.64
C TRP A 70 -8.14 1.01 -16.08
N LYS A 71 -7.63 -0.19 -16.31
CA LYS A 71 -7.56 -0.72 -17.64
C LYS A 71 -8.93 -0.90 -18.33
N ALA A 72 -9.92 -1.33 -17.60
CA ALA A 72 -11.27 -1.48 -18.12
C ALA A 72 -11.87 -0.14 -18.56
N LEU A 73 -11.41 0.92 -17.94
CA LEU A 73 -11.75 2.28 -18.27
C LEU A 73 -10.84 2.90 -19.30
N GLY A 74 -9.92 2.13 -19.84
CA GLY A 74 -9.04 2.58 -20.90
C GLY A 74 -7.72 3.24 -20.53
N ILE A 75 -7.40 3.24 -19.26
CA ILE A 75 -6.24 3.89 -18.69
C ILE A 75 -5.15 2.90 -18.34
N SER A 76 -3.93 3.26 -18.63
CA SER A 76 -2.80 2.51 -18.20
C SER A 76 -2.21 3.20 -16.99
N PRO A 77 -2.52 2.69 -15.80
CA PRO A 77 -2.14 3.29 -14.53
C PRO A 77 -0.72 2.94 -14.11
N PHE A 78 -0.15 3.65 -13.18
CA PHE A 78 1.16 3.32 -12.66
C PHE A 78 1.29 2.08 -11.79
N HIS A 79 0.47 1.98 -10.75
CA HIS A 79 0.48 0.87 -9.84
C HIS A 79 -0.10 -0.47 -10.34
N GLU A 80 0.51 -1.54 -9.93
CA GLU A 80 0.00 -2.86 -10.11
C GLU A 80 -1.29 -3.07 -9.28
N HIS A 81 -1.28 -2.54 -8.08
CA HIS A 81 -2.35 -2.65 -7.16
C HIS A 81 -2.19 -1.69 -6.00
N ALA A 82 -3.18 -1.56 -5.14
CA ALA A 82 -2.96 -1.00 -3.85
C ALA A 82 -3.01 -2.08 -2.80
N GLU A 83 -1.97 -2.12 -1.98
CA GLU A 83 -1.84 -3.10 -0.92
C GLU A 83 -1.72 -2.41 0.44
N VAL A 84 -2.55 -2.86 1.36
CA VAL A 84 -2.57 -2.39 2.71
C VAL A 84 -2.17 -3.51 3.69
N VAL A 85 -1.14 -3.30 4.45
CA VAL A 85 -0.65 -4.28 5.36
C VAL A 85 -0.63 -3.77 6.79
N PHE A 86 -1.29 -4.50 7.65
CA PHE A 86 -1.52 -4.09 9.00
C PHE A 86 -1.69 -5.22 10.02
N THR A 87 -1.37 -4.93 11.25
CA THR A 87 -1.66 -5.78 12.38
C THR A 87 -3.03 -5.44 12.90
N ALA A 88 -3.82 -6.47 13.01
CA ALA A 88 -5.16 -6.42 13.42
C ALA A 88 -5.44 -7.10 14.78
N ASN A 89 -6.30 -6.48 15.53
CA ASN A 89 -6.83 -6.98 16.75
C ASN A 89 -5.83 -7.28 17.83
N ASP A 90 -4.73 -6.58 17.93
CA ASP A 90 -3.85 -6.98 19.00
C ASP A 90 -4.05 -6.28 20.31
N SER A 91 -4.99 -5.34 20.30
CA SER A 91 -5.51 -4.77 21.48
C SER A 91 -6.86 -5.34 21.83
N GLY A 92 -7.31 -6.33 21.11
CA GLY A 92 -8.65 -6.85 21.23
C GLY A 92 -9.31 -6.67 19.90
N PRO A 93 -10.49 -7.22 19.74
CA PRO A 93 -11.22 -7.09 18.50
C PRO A 93 -11.59 -5.67 18.15
N ARG A 94 -11.42 -5.31 16.90
CA ARG A 94 -11.81 -4.02 16.40
C ARG A 94 -12.51 -4.14 15.06
N ARG A 95 -13.17 -3.08 14.68
N ARG A 95 -13.14 -3.06 14.67
CA ARG A 95 -13.78 -2.97 13.38
CA ARG A 95 -13.77 -2.97 13.38
C ARG A 95 -12.95 -2.03 12.49
C ARG A 95 -12.94 -2.02 12.49
N TYR A 96 -12.58 -2.54 11.32
CA TYR A 96 -11.69 -1.87 10.41
C TYR A 96 -12.34 -1.57 9.10
N THR A 97 -12.25 -0.31 8.72
CA THR A 97 -12.64 0.10 7.41
C THR A 97 -11.41 0.54 6.69
N ILE A 98 -11.06 -0.17 5.64
CA ILE A 98 -9.97 0.18 4.80
C ILE A 98 -10.50 0.95 3.59
N ALA A 99 -10.25 2.24 3.56
CA ALA A 99 -10.64 3.07 2.42
C ALA A 99 -9.50 3.35 1.44
N ALA A 100 -9.78 3.26 0.17
CA ALA A 100 -8.87 3.69 -0.86
C ALA A 100 -9.43 4.72 -1.87
N LEU A 101 -8.64 5.73 -2.17
CA LEU A 101 -8.95 6.73 -3.14
C LEU A 101 -7.98 6.60 -4.32
N LEU A 102 -8.54 6.42 -5.49
CA LEU A 102 -7.76 6.08 -6.66
C LEU A 102 -7.62 7.17 -7.72
N SER A 103 -6.39 7.33 -8.13
CA SER A 103 -6.02 8.07 -9.32
C SER A 103 -5.04 7.25 -10.14
N PRO A 104 -4.95 7.59 -11.41
CA PRO A 104 -4.19 6.75 -12.31
C PRO A 104 -2.70 6.64 -11.93
N TYR A 105 -2.08 7.72 -11.49
CA TYR A 105 -0.71 7.74 -11.05
C TYR A 105 -0.52 7.92 -9.52
N SER A 106 -1.58 7.75 -8.75
CA SER A 106 -1.61 7.96 -7.33
C SER A 106 -2.74 7.25 -6.64
N TYR A 107 -2.52 6.93 -5.39
CA TYR A 107 -3.55 6.44 -4.51
C TYR A 107 -3.22 6.74 -3.06
N SER A 108 -4.26 6.80 -2.26
CA SER A 108 -4.17 6.93 -0.84
C SER A 108 -5.04 5.89 -0.21
N THR A 109 -4.61 5.44 0.93
CA THR A 109 -5.34 4.50 1.76
C THR A 109 -5.40 4.96 3.20
N THR A 110 -6.55 4.81 3.79
CA THR A 110 -6.82 5.25 5.12
C THR A 110 -7.54 4.17 5.89
N ALA A 111 -7.26 4.05 7.16
CA ALA A 111 -8.02 3.17 8.02
C ALA A 111 -8.81 3.87 9.08
N VAL A 112 -10.07 3.53 9.19
CA VAL A 112 -10.94 3.92 10.25
C VAL A 112 -11.18 2.69 11.12
N VAL A 113 -10.76 2.80 12.35
CA VAL A 113 -10.76 1.72 13.29
C VAL A 113 -11.62 2.12 14.50
N THR A 114 -12.59 1.29 14.78
CA THR A 114 -13.53 1.51 15.83
C THR A 114 -13.80 0.30 16.70
N ASN A 115 -14.30 0.56 17.90
CA ASN A 115 -14.59 -0.44 18.90
C ASN A 115 -16.01 -0.84 18.93
N PRO A 116 -16.36 -2.03 18.51
CA PRO A 116 -17.72 -2.54 18.77
C PRO A 116 -18.31 -1.95 20.04
N CYS B 1 19.28 9.86 -11.57
CA CYS B 1 19.09 8.42 -11.52
C CYS B 1 17.74 8.02 -12.07
N PRO B 2 17.60 6.74 -12.42
CA PRO B 2 16.35 6.23 -12.96
C PRO B 2 15.26 6.16 -11.93
N LEU B 3 15.61 6.02 -10.67
CA LEU B 3 14.62 5.87 -9.62
C LEU B 3 14.92 6.63 -8.33
N MET B 4 13.98 7.44 -7.90
CA MET B 4 14.09 8.24 -6.72
C MET B 4 12.87 8.04 -5.82
N VAL B 5 13.10 8.11 -4.53
CA VAL B 5 12.06 7.96 -3.52
C VAL B 5 12.10 9.20 -2.63
N LYS B 6 10.95 9.76 -2.38
CA LYS B 6 10.78 10.92 -1.56
C LYS B 6 9.67 10.75 -0.50
N VAL B 7 9.95 11.01 0.77
CA VAL B 7 8.98 10.80 1.84
C VAL B 7 8.69 12.01 2.71
N LEU B 8 7.41 12.25 2.95
CA LEU B 8 6.95 13.37 3.71
C LEU B 8 6.08 13.02 4.94
N ASP B 9 6.23 13.83 5.97
CA ASP B 9 5.55 13.65 7.21
C ASP B 9 4.45 14.70 7.32
N ALA B 10 3.23 14.22 7.19
CA ALA B 10 2.02 15.01 7.31
C ALA B 10 1.64 15.49 8.72
N VAL B 11 2.06 14.81 9.75
CA VAL B 11 1.95 15.26 11.11
C VAL B 11 2.83 16.46 11.45
N ARG B 12 4.07 16.40 11.08
CA ARG B 12 5.02 17.42 11.42
C ARG B 12 5.27 18.46 10.32
N GLY B 13 4.72 18.28 9.14
CA GLY B 13 5.02 19.16 8.04
C GLY B 13 6.47 19.24 7.65
N SER B 14 7.06 18.08 7.49
CA SER B 14 8.46 17.94 7.25
C SER B 14 8.82 16.75 6.40
N PRO B 15 10.03 16.78 5.90
CA PRO B 15 10.56 15.60 5.25
C PRO B 15 10.62 14.51 6.27
N ALA B 16 10.38 13.28 5.83
CA ALA B 16 10.52 12.12 6.67
C ALA B 16 11.94 11.62 6.50
N ILE B 17 12.67 11.80 7.57
CA ILE B 17 14.10 11.62 7.62
C ILE B 17 14.43 10.29 8.23
N ASN B 18 15.45 9.66 7.69
CA ASN B 18 15.93 8.35 8.08
C ASN B 18 14.91 7.23 8.04
N VAL B 19 14.12 7.21 7.01
CA VAL B 19 13.16 6.17 6.81
C VAL B 19 13.74 5.09 5.90
N ALA B 20 13.67 3.85 6.34
CA ALA B 20 14.15 2.72 5.59
C ALA B 20 13.30 2.42 4.39
N VAL B 21 13.96 2.23 3.27
CA VAL B 21 13.33 1.90 2.03
C VAL B 21 14.00 0.70 1.37
N HIS B 22 13.24 -0.31 1.02
CA HIS B 22 13.73 -1.47 0.30
C HIS B 22 13.06 -1.64 -1.07
N VAL B 23 13.85 -1.91 -2.07
CA VAL B 23 13.39 -2.12 -3.39
C VAL B 23 13.59 -3.57 -3.82
N PHE B 24 12.55 -4.15 -4.38
CA PHE B 24 12.55 -5.53 -4.81
C PHE B 24 12.19 -5.63 -6.26
N ARG B 25 12.73 -6.62 -6.93
CA ARG B 25 12.36 -6.92 -8.28
C ARG B 25 11.77 -8.30 -8.36
N LYS B 26 10.65 -8.42 -9.02
CA LYS B 26 10.00 -9.70 -9.12
C LYS B 26 10.78 -10.67 -10.00
N ALA B 27 11.16 -11.78 -9.40
CA ALA B 27 11.85 -12.88 -10.00
C ALA B 27 10.90 -13.72 -10.87
N ALA B 28 11.41 -14.58 -11.73
CA ALA B 28 10.55 -15.40 -12.58
C ALA B 28 9.74 -16.43 -11.77
N ASP B 29 10.17 -16.65 -10.55
CA ASP B 29 9.54 -17.40 -9.48
C ASP B 29 8.21 -16.81 -9.08
N ASP B 30 8.07 -15.50 -9.26
CA ASP B 30 6.95 -14.77 -8.75
C ASP B 30 7.29 -14.37 -7.33
N THR B 31 8.55 -14.54 -6.94
CA THR B 31 9.03 -14.07 -5.66
C THR B 31 9.78 -12.74 -5.79
N TRP B 32 9.88 -11.97 -4.73
CA TRP B 32 10.61 -10.73 -4.76
C TRP B 32 12.06 -10.91 -4.42
N GLU B 33 12.95 -10.42 -5.25
CA GLU B 33 14.35 -10.46 -5.02
C GLU B 33 14.74 -9.07 -4.66
N PRO B 34 15.53 -8.94 -3.60
CA PRO B 34 16.03 -7.67 -3.13
C PRO B 34 16.87 -7.09 -4.18
N PHE B 35 16.78 -5.80 -4.36
CA PHE B 35 17.35 -5.13 -5.50
C PHE B 35 18.24 -3.95 -5.08
N ALA B 36 17.74 -3.11 -4.21
CA ALA B 36 18.44 -1.97 -3.69
C ALA B 36 17.75 -1.54 -2.40
N SER B 37 18.43 -0.76 -1.58
CA SER B 37 17.86 -0.13 -0.40
C SER B 37 18.67 1.04 0.13
N GLY B 38 18.10 1.74 1.09
CA GLY B 38 18.67 2.94 1.62
C GLY B 38 17.79 3.54 2.68
N LYS B 39 18.18 4.71 3.16
CA LYS B 39 17.39 5.47 4.09
C LYS B 39 17.25 6.89 3.60
N THR B 40 16.11 7.51 3.84
CA THR B 40 15.95 8.86 3.40
C THR B 40 16.84 9.85 4.15
N SER B 41 17.27 10.85 3.42
CA SER B 41 18.16 11.90 3.85
C SER B 41 17.44 12.96 4.62
N GLU B 42 18.15 13.97 5.06
CA GLU B 42 17.57 15.05 5.83
C GLU B 42 16.54 15.85 5.03
N SER B 43 16.60 15.72 3.73
CA SER B 43 15.61 16.30 2.85
C SER B 43 14.46 15.33 2.49
N GLY B 44 14.44 14.19 3.14
CA GLY B 44 13.48 13.18 2.90
C GLY B 44 13.59 12.44 1.59
N GLU B 45 14.73 12.50 0.95
CA GLU B 45 14.93 11.89 -0.33
C GLU B 45 15.89 10.74 -0.27
N LEU B 46 15.70 9.79 -1.14
CA LEU B 46 16.61 8.71 -1.32
C LEU B 46 16.95 8.58 -2.80
N HIS B 47 18.21 8.72 -3.08
CA HIS B 47 18.80 8.84 -4.39
C HIS B 47 19.76 7.69 -4.59
N GLY B 48 20.19 7.48 -5.81
CA GLY B 48 21.23 6.55 -6.07
C GLY B 48 20.89 5.11 -5.84
N LEU B 49 19.62 4.78 -5.97
CA LEU B 49 19.16 3.44 -5.75
C LEU B 49 19.65 2.44 -6.78
N THR B 50 19.61 2.84 -8.02
CA THR B 50 19.93 2.00 -9.14
C THR B 50 20.48 2.83 -10.25
N THR B 51 20.85 2.19 -11.35
CA THR B 51 21.40 2.82 -12.52
C THR B 51 20.58 2.45 -13.72
N GLU B 52 20.72 3.19 -14.77
CA GLU B 52 19.94 2.97 -15.96
C GLU B 52 20.14 1.60 -16.52
N GLU B 53 21.37 1.11 -16.48
CA GLU B 53 21.69 -0.19 -17.03
C GLU B 53 21.02 -1.31 -16.30
N GLU B 54 21.10 -1.22 -14.98
CA GLU B 54 20.51 -2.17 -14.06
C GLU B 54 18.99 -2.19 -14.01
N PHE B 55 18.39 -1.03 -14.19
CA PHE B 55 16.96 -0.81 -14.03
C PHE B 55 16.20 -1.13 -15.31
N VAL B 56 16.14 -2.40 -15.65
CA VAL B 56 15.43 -2.90 -16.82
C VAL B 56 13.93 -3.04 -16.59
N GLU B 57 13.18 -3.29 -17.65
CA GLU B 57 11.77 -3.42 -17.57
C GLU B 57 11.54 -4.54 -16.63
N GLY B 58 10.47 -4.44 -15.87
CA GLY B 58 10.18 -5.37 -14.82
C GLY B 58 9.07 -4.91 -13.90
N ILE B 59 8.74 -5.72 -12.94
CA ILE B 59 7.75 -5.35 -11.98
C ILE B 59 8.56 -5.19 -10.75
N TYR B 60 8.44 -4.02 -10.16
CA TYR B 60 9.24 -3.62 -9.04
C TYR B 60 8.37 -3.27 -7.84
N LYS B 61 8.88 -3.51 -6.65
CA LYS B 61 8.22 -3.12 -5.44
C LYS B 61 9.17 -2.31 -4.57
N VAL B 62 8.67 -1.22 -4.04
CA VAL B 62 9.34 -0.37 -3.06
C VAL B 62 8.58 -0.37 -1.77
N GLU B 63 9.20 -0.87 -0.71
CA GLU B 63 8.65 -0.92 0.62
C GLU B 63 9.28 0.15 1.48
N ILE B 64 8.44 1.01 2.00
CA ILE B 64 8.86 2.07 2.88
C ILE B 64 8.47 1.69 4.31
N ASP B 65 9.44 1.69 5.19
CA ASP B 65 9.23 1.28 6.54
C ASP B 65 8.65 2.36 7.42
N THR B 66 7.37 2.59 7.21
CA THR B 66 6.62 3.57 7.92
C THR B 66 6.46 3.32 9.41
N LYS B 67 6.24 2.07 9.77
CA LYS B 67 5.98 1.74 11.15
C LYS B 67 7.16 2.07 12.06
N SER B 68 8.38 1.79 11.63
CA SER B 68 9.57 2.17 12.38
C SER B 68 9.65 3.67 12.54
N TYR B 69 9.31 4.42 11.51
CA TYR B 69 9.35 5.87 11.56
C TYR B 69 8.41 6.41 12.61
N TRP B 70 7.19 5.94 12.63
CA TRP B 70 6.22 6.38 13.58
C TRP B 70 6.63 5.95 15.00
N LYS B 71 7.21 4.77 15.12
CA LYS B 71 7.63 4.28 16.41
C LYS B 71 8.68 5.18 17.04
N ALA B 72 9.64 5.63 16.26
CA ALA B 72 10.66 6.55 16.73
C ALA B 72 10.06 7.89 17.19
N LEU B 73 8.92 8.27 16.66
CA LEU B 73 8.22 9.48 17.05
C LEU B 73 7.23 9.30 18.22
N GLY B 74 7.10 8.08 18.69
CA GLY B 74 6.16 7.76 19.74
C GLY B 74 4.69 7.94 19.44
N ILE B 75 4.33 7.72 18.19
CA ILE B 75 3.00 7.80 17.65
C ILE B 75 2.65 6.45 17.07
N SER B 76 1.51 5.92 17.42
CA SER B 76 1.24 4.58 17.01
C SER B 76 0.56 4.55 15.66
N PRO B 77 1.08 3.74 14.78
CA PRO B 77 0.64 3.72 13.39
C PRO B 77 -0.21 2.56 13.07
N PHE B 78 -0.87 2.58 11.94
CA PHE B 78 -1.68 1.51 11.47
C PHE B 78 -0.98 0.52 10.53
N HIS B 79 -0.27 1.00 9.55
CA HIS B 79 0.34 0.12 8.61
C HIS B 79 1.65 -0.48 9.07
N GLU B 80 1.91 -1.67 8.62
CA GLU B 80 3.19 -2.27 8.75
C GLU B 80 4.23 -1.53 7.90
N HIS B 81 3.83 -1.15 6.70
CA HIS B 81 4.65 -0.39 5.76
C HIS B 81 3.84 0.17 4.60
N ALA B 82 4.45 1.02 3.83
CA ALA B 82 3.82 1.44 2.62
C ALA B 82 4.52 0.81 1.44
N GLU B 83 3.80 0.02 0.67
CA GLU B 83 4.34 -0.70 -0.48
C GLU B 83 3.87 -0.09 -1.77
N VAL B 84 4.79 0.17 -2.70
CA VAL B 84 4.42 0.60 -4.00
C VAL B 84 4.88 -0.41 -5.05
N VAL B 85 3.96 -0.95 -5.81
CA VAL B 85 4.29 -1.95 -6.79
C VAL B 85 3.88 -1.50 -8.17
N PHE B 86 4.83 -1.47 -9.08
CA PHE B 86 4.65 -0.98 -10.44
C PHE B 86 5.44 -1.73 -11.48
N THR B 87 5.03 -1.59 -12.73
CA THR B 87 5.77 -2.18 -13.83
C THR B 87 6.62 -1.08 -14.45
N ALA B 88 7.94 -1.28 -14.47
CA ALA B 88 8.85 -0.30 -15.00
C ALA B 88 8.87 -0.52 -16.50
N ASN B 89 8.43 0.49 -17.24
CA ASN B 89 8.36 0.39 -18.70
C ASN B 89 9.38 1.28 -19.39
N ARG B 95 12.66 8.40 -15.82
CA ARG B 95 12.84 8.86 -14.44
C ARG B 95 11.56 8.69 -13.61
N TYR B 96 11.66 7.89 -12.56
CA TYR B 96 10.58 7.66 -11.62
C TYR B 96 10.85 8.27 -10.29
N THR B 97 9.97 9.14 -9.86
CA THR B 97 10.03 9.62 -8.52
C THR B 97 8.83 9.07 -7.83
N ILE B 98 9.05 8.28 -6.82
CA ILE B 98 7.98 7.75 -6.04
C ILE B 98 7.89 8.58 -4.79
N ALA B 99 6.82 9.32 -4.65
CA ALA B 99 6.62 10.12 -3.45
C ALA B 99 5.59 9.57 -2.50
N ALA B 100 5.89 9.61 -1.22
CA ALA B 100 4.96 9.15 -0.24
C ALA B 100 4.69 10.23 0.77
N LEU B 101 3.43 10.42 1.08
CA LEU B 101 3.01 11.30 2.14
C LEU B 101 2.40 10.50 3.27
N LEU B 102 2.94 10.68 4.44
CA LEU B 102 2.66 9.85 5.59
C LEU B 102 1.89 10.48 6.75
N SER B 103 0.91 9.75 7.20
CA SER B 103 0.18 9.97 8.42
C SER B 103 0.00 8.62 9.19
N PRO B 104 -0.29 8.66 10.47
CA PRO B 104 -0.29 7.45 11.26
C PRO B 104 -1.29 6.39 10.79
N TYR B 105 -2.48 6.80 10.41
CA TYR B 105 -3.52 5.93 9.93
C TYR B 105 -3.83 6.06 8.44
N SER B 106 -2.97 6.77 7.74
CA SER B 106 -3.12 7.02 6.35
C SER B 106 -1.80 7.27 5.66
N TYR B 107 -1.70 6.86 4.42
CA TYR B 107 -0.65 7.30 3.52
C TYR B 107 -1.17 7.44 2.11
N SER B 108 -0.51 8.26 1.36
CA SER B 108 -0.70 8.32 -0.08
C SER B 108 0.64 8.15 -0.78
N THR B 109 0.62 7.54 -1.94
CA THR B 109 1.78 7.43 -2.78
C THR B 109 1.50 7.88 -4.19
N THR B 110 2.44 8.56 -4.76
CA THR B 110 2.31 9.12 -6.07
C THR B 110 3.53 8.87 -6.93
N ALA B 111 3.33 8.61 -8.20
CA ALA B 111 4.43 8.53 -9.14
C ALA B 111 4.50 9.69 -10.11
N VAL B 112 5.65 10.31 -10.14
CA VAL B 112 5.98 11.31 -11.11
C VAL B 112 6.98 10.74 -12.08
N VAL B 113 6.52 10.55 -13.29
CA VAL B 113 7.33 9.94 -14.28
C VAL B 113 7.56 10.98 -15.34
N THR B 114 8.80 11.35 -15.49
CA THR B 114 9.17 12.33 -16.49
C THR B 114 10.05 11.78 -17.59
C1 KMP C . -18.46 7.50 2.42
C2 KMP C . -17.53 7.02 3.30
C3 KMP C . -16.22 7.35 3.14
C4 KMP C . -15.84 8.15 2.13
C5 KMP C . -16.73 8.63 1.22
C6 KMP C . -18.03 8.30 1.36
C9 KMP C . -15.31 6.89 4.03
C10 KMP C . -14.05 7.32 3.85
C11 KMP C . -13.74 8.14 2.78
C14 KMP C . -12.53 8.65 2.38
C15 KMP C . -11.64 7.88 1.66
C16 KMP C . -10.48 8.40 1.24
C17 KMP C . -10.22 9.71 1.49
C18 KMP C . -11.09 10.51 2.13
C19 KMP C . -12.26 9.98 2.58
O12 KMP C . -14.62 8.51 1.90
O13 KMP C . -15.63 6.18 5.00
O24 KMP C . -9.08 10.22 1.07
O27 KMP C . -13.19 6.87 4.75
O29 KMP C . -18.86 8.78 0.46
O30 KMP C . -17.82 6.25 4.31
C1 KMP D . 9.29 17.94 -3.68
C2 KMP D . 8.28 18.12 -2.77
C3 KMP D . 7.16 17.35 -2.93
C4 KMP D . 7.00 16.39 -3.93
C5 KMP D . 8.02 16.22 -4.83
C6 KMP D . 9.15 17.01 -4.66
C9 KMP D . 6.20 17.56 -2.03
C10 KMP D . 5.15 16.73 -2.11
C11 KMP D . 5.03 15.84 -3.11
C14 KMP D . 3.84 15.26 -2.82
C15 KMP D . 3.78 14.05 -2.22
C16 KMP D . 2.56 13.58 -1.86
C17 KMP D . 1.47 14.37 -2.02
C18 KMP D . 1.56 15.60 -2.54
C19 KMP D . 2.76 16.06 -2.92
O12 KMP D . 5.90 15.61 -4.08
O13 KMP D . 6.28 18.38 -1.13
O24 KMP D . 0.28 13.91 -1.66
O27 KMP D . 4.15 16.88 -1.23
O29 KMP D . 10.19 16.86 -5.47
O30 KMP D . 8.38 19.04 -1.76
#